data_2W7L
#
_entry.id   2W7L
#
_cell.length_a   61.470
_cell.length_b   105.020
_cell.length_c   56.950
_cell.angle_alpha   90.00
_cell.angle_beta   90.00
_cell.angle_gamma   90.00
#
_symmetry.space_group_name_H-M   'P 21 21 2'
#
loop_
_entity.id
_entity.type
_entity.pdbx_description
1 polymer 'SERINE HYDROXYMETHYLTRANSFERASE'
2 non-polymer "PYRIDOXAL-5'-PHOSPHATE"
3 non-polymer ALLO-THREONINE
4 water water
#
_entity_poly.entity_id   1
_entity_poly.type   'polypeptide(L)'
_entity_poly.pdbx_seq_one_letter_code
;MKYLPQQDPQVFAAIEQERKRQHAKIELIASENFVSRAVMEAQGSVLTNKYAEGYPGRRYAGGCEYVDIVEELARERAKQ
LFGAEHANVQPHSGAQANMAVYFTVLEHGDTVLGMNLSHGGHLTHGSPVNFSGVQYNFVAYGVDPETHVIDYDDVREKAR
LHRPKLIVAAASAYPRIIDFAKFREIADEVGAYLMVDMAHIAGLVAAGLHPNPVPYAHFVTTTTHKTLRGPRGGMILCQE
QFAKQIDKAIFPGIQGGPLMHVIAAKAVAFGEALQDDFKAYAKRVVDNAKRLASALQNEGFTLVSGGTDNHLLLVDLRPQ
QLTGKTAEKVLDEVGITVNKNTIPYDPESPFVTSGIRIGTAAVTTRGFGLEEMDEIAAIIGLVLKNVGSEQALEEARQRV
AALTD
;
_entity_poly.pdbx_strand_id   A
#
# COMPACT_ATOMS: atom_id res chain seq x y z
N MET A 1 -17.63 3.99 22.59
CA MET A 1 -18.57 5.03 22.06
C MET A 1 -19.71 5.30 23.02
N LYS A 2 -20.19 6.53 23.04
CA LYS A 2 -21.24 6.94 23.97
C LYS A 2 -22.38 7.72 23.29
N TYR A 3 -22.03 8.70 22.48
CA TYR A 3 -23.00 9.59 21.86
C TYR A 3 -23.58 9.05 20.56
N LEU A 4 -22.85 8.15 19.91
CA LEU A 4 -23.30 7.54 18.65
C LEU A 4 -24.41 6.49 18.80
N PRO A 5 -24.31 5.58 19.81
CA PRO A 5 -25.37 4.58 20.00
C PRO A 5 -26.77 5.18 20.22
N GLN A 6 -26.83 6.32 20.90
CA GLN A 6 -28.10 7.02 21.15
C GLN A 6 -28.59 7.75 19.90
N GLN A 7 -27.67 8.45 19.23
CA GLN A 7 -28.00 9.27 18.07
C GLN A 7 -28.34 8.44 16.82
N ASP A 8 -27.49 7.48 16.49
CA ASP A 8 -27.64 6.69 15.28
C ASP A 8 -27.47 5.19 15.53
N PRO A 9 -28.57 4.52 15.94
CA PRO A 9 -28.56 3.07 16.21
C PRO A 9 -28.23 2.23 14.97
N GLN A 10 -28.65 2.68 13.79
CA GLN A 10 -28.41 1.97 12.54
C GLN A 10 -26.93 1.95 12.15
N VAL A 11 -26.28 3.11 12.22
CA VAL A 11 -24.86 3.25 11.88
C VAL A 11 -23.97 2.58 12.93
N PHE A 12 -24.33 2.74 14.21
CA PHE A 12 -23.57 2.13 15.31
C PHE A 12 -23.58 0.60 15.24
N ALA A 13 -24.73 0.03 14.86
CA ALA A 13 -24.88 -1.42 14.73
C ALA A 13 -24.01 -2.00 13.61
N ALA A 14 -23.88 -1.24 12.52
CA ALA A 14 -23.04 -1.63 11.38
C ALA A 14 -21.56 -1.52 11.71
N ILE A 15 -21.19 -0.49 12.48
CA ILE A 15 -19.81 -0.30 12.96
C ILE A 15 -19.41 -1.41 13.93
N GLU A 16 -20.33 -1.76 14.83
CA GLU A 16 -20.10 -2.84 15.81
C GLU A 16 -19.98 -4.20 15.14
N GLN A 17 -20.72 -4.39 14.04
CA GLN A 17 -20.59 -5.60 13.21
C GLN A 17 -19.23 -5.66 12.54
N GLU A 18 -18.75 -4.50 12.06
CA GLU A 18 -17.43 -4.40 11.41
C GLU A 18 -16.29 -4.60 12.41
N ARG A 19 -16.44 -4.02 13.60
CA ARG A 19 -15.48 -4.18 14.69
C ARG A 19 -15.32 -5.66 15.07
N LYS A 20 -16.43 -6.36 15.18
CA LYS A 20 -16.44 -7.79 15.52
C LYS A 20 -15.93 -8.65 14.35
N ARG A 21 -16.19 -8.20 13.13
CA ARG A 21 -15.72 -8.87 11.92
C ARG A 21 -14.19 -8.85 11.82
N GLN A 22 -13.59 -7.68 12.08
CA GLN A 22 -12.14 -7.49 12.03
C GLN A 22 -11.37 -8.37 13.02
N HIS A 23 -12.05 -8.74 14.12
CA HIS A 23 -11.48 -9.62 15.13
C HIS A 23 -11.67 -11.09 14.76
N ALA A 24 -12.84 -11.43 14.24
CA ALA A 24 -13.21 -12.82 13.93
C ALA A 24 -12.49 -13.39 12.71
N LYS A 25 -12.29 -12.57 11.68
CA LYS A 25 -11.71 -13.02 10.42
C LYS A 25 -10.18 -13.00 10.45
N ILE A 26 -9.57 -13.79 9.56
CA ILE A 26 -8.13 -13.72 9.33
C ILE A 26 -7.88 -12.78 8.15
N GLU A 27 -7.40 -11.59 8.48
CA GLU A 27 -7.23 -10.53 7.49
C GLU A 27 -5.88 -10.61 6.78
N LEU A 28 -5.93 -10.94 5.50
CA LEU A 28 -4.71 -11.15 4.71
C LEU A 28 -4.64 -10.26 3.47
N ILE A 29 -5.45 -9.20 3.44
CA ILE A 29 -5.36 -8.20 2.37
C ILE A 29 -4.09 -7.37 2.58
N ALA A 30 -3.20 -7.42 1.58
CA ALA A 30 -1.85 -6.87 1.67
C ALA A 30 -1.78 -5.36 1.97
N SER A 31 -2.84 -4.64 1.61
CA SER A 31 -2.88 -3.19 1.79
C SER A 31 -3.53 -2.76 3.11
N GLU A 32 -4.03 -3.73 3.86
CA GLU A 32 -4.74 -3.43 5.10
C GLU A 32 -3.88 -3.61 6.36
N ASN A 33 -4.27 -2.92 7.42
CA ASN A 33 -3.59 -2.99 8.71
C ASN A 33 -4.53 -2.53 9.83
N PHE A 34 -4.14 -2.75 11.08
CA PHE A 34 -4.92 -2.30 12.22
C PHE A 34 -4.22 -1.14 12.92
N VAL A 35 -4.91 0.00 12.99
CA VAL A 35 -4.37 1.20 13.62
C VAL A 35 -4.52 1.12 15.14
N SER A 36 -3.63 1.82 15.85
CA SER A 36 -3.69 1.91 17.30
C SER A 36 -4.85 2.81 17.72
N ARG A 37 -5.25 2.68 19.00
CA ARG A 37 -6.34 3.49 19.54
C ARG A 37 -6.01 4.98 19.63
N ALA A 38 -4.72 5.30 19.70
CA ALA A 38 -4.24 6.69 19.69
C ALA A 38 -4.47 7.36 18.33
N VAL A 39 -4.21 6.60 17.25
CA VAL A 39 -4.43 7.07 15.88
C VAL A 39 -5.92 7.36 15.63
N MET A 40 -6.78 6.46 16.11
CA MET A 40 -8.23 6.62 15.95
C MET A 40 -8.81 7.80 16.72
N GLU A 41 -8.31 8.02 17.93
CA GLU A 41 -8.75 9.15 18.77
C GLU A 41 -8.40 10.50 18.16
N ALA A 42 -7.28 10.54 17.42
CA ALA A 42 -6.85 11.74 16.71
C ALA A 42 -7.77 12.05 15.52
N GLN A 43 -8.27 11.01 14.85
CA GLN A 43 -9.23 11.17 13.76
C GLN A 43 -10.64 11.48 14.25
N GLY A 44 -10.91 11.15 15.51
CA GLY A 44 -12.19 11.47 16.13
C GLY A 44 -12.16 12.75 16.95
N SER A 45 -11.25 13.66 16.61
CA SER A 45 -11.07 14.91 17.33
C SER A 45 -11.81 16.08 16.66
N VAL A 46 -11.83 17.22 17.36
CA VAL A 46 -12.48 18.44 16.86
C VAL A 46 -11.72 19.12 15.71
N LEU A 47 -10.59 18.54 15.31
CA LEU A 47 -9.75 19.10 14.25
C LEU A 47 -10.39 19.09 12.86
N THR A 48 -11.50 18.37 12.73
CA THR A 48 -12.30 18.35 11.51
C THR A 48 -13.04 19.68 11.30
N ASN A 49 -13.22 20.43 12.39
CA ASN A 49 -13.93 21.73 12.36
C ASN A 49 -13.14 22.85 11.70
N LYS A 50 -11.83 22.69 11.58
CA LYS A 50 -10.96 23.78 11.13
C LYS A 50 -10.63 23.74 9.64
N TYR A 51 -10.88 24.86 8.98
CA TYR A 51 -10.36 25.09 7.63
C TYR A 51 -8.94 25.64 7.72
N ALA A 52 -7.99 24.84 7.23
CA ALA A 52 -6.59 25.23 7.25
C ALA A 52 -5.99 25.18 5.84
N GLU A 53 -6.64 25.88 4.91
CA GLU A 53 -6.14 25.99 3.54
C GLU A 53 -4.79 26.70 3.53
N GLY A 54 -3.86 26.14 2.77
CA GLY A 54 -2.48 26.63 2.76
C GLY A 54 -1.60 25.71 3.57
N TYR A 55 -0.59 26.30 4.22
CA TYR A 55 0.40 25.52 4.96
C TYR A 55 0.79 26.21 6.27
N PRO A 56 1.43 25.47 7.21
CA PRO A 56 1.80 26.04 8.51
C PRO A 56 2.46 27.41 8.42
N GLY A 57 1.82 28.42 9.02
CA GLY A 57 2.31 29.79 9.00
C GLY A 57 1.76 30.59 7.83
N ARG A 58 1.62 29.94 6.68
CA ARG A 58 1.16 30.58 5.45
C ARG A 58 -0.27 30.13 5.11
N ARG A 59 -1.19 30.36 6.03
CA ARG A 59 -2.59 29.94 5.87
C ARG A 59 -3.45 31.02 5.23
N TYR A 60 -4.61 30.61 4.71
CA TYR A 60 -5.57 31.53 4.10
C TYR A 60 -6.82 31.68 4.97
N ALA A 61 -6.63 31.44 6.27
CA ALA A 61 -7.66 31.61 7.28
C ALA A 61 -7.01 31.73 8.65
N GLY A 62 -7.61 32.52 9.53
CA GLY A 62 -7.09 32.71 10.88
C GLY A 62 -7.53 31.61 11.84
N GLY A 63 -6.80 31.47 12.95
CA GLY A 63 -7.12 30.48 13.97
C GLY A 63 -6.41 29.15 13.78
N CYS A 64 -5.42 29.12 12.88
CA CYS A 64 -4.71 27.89 12.53
C CYS A 64 -3.45 27.66 13.38
N GLU A 65 -3.28 28.47 14.42
CA GLU A 65 -2.07 28.45 15.27
C GLU A 65 -1.71 27.06 15.79
N TYR A 66 -2.71 26.26 16.18
CA TYR A 66 -2.47 24.97 16.81
C TYR A 66 -2.49 23.80 15.84
N VAL A 67 -3.25 23.92 14.75
CA VAL A 67 -3.23 22.91 13.69
C VAL A 67 -1.92 23.00 12.88
N ASP A 68 -1.32 24.19 12.88
CA ASP A 68 0.02 24.40 12.31
C ASP A 68 1.07 23.53 13.01
N ILE A 69 0.99 23.49 14.34
CA ILE A 69 1.88 22.65 15.16
C ILE A 69 1.69 21.18 14.80
N VAL A 70 0.42 20.77 14.69
CA VAL A 70 0.04 19.41 14.30
C VAL A 70 0.65 18.99 12.95
N GLU A 71 0.48 19.85 11.93
CA GLU A 71 0.99 19.56 10.60
C GLU A 71 2.52 19.54 10.56
N GLU A 72 3.15 20.48 11.28
CA GLU A 72 4.61 20.52 11.39
C GLU A 72 5.16 19.27 12.06
N LEU A 73 4.48 18.80 13.10
CA LEU A 73 4.83 17.53 13.76
C LEU A 73 4.76 16.36 12.79
N ALA A 74 3.70 16.34 11.97
CA ALA A 74 3.55 15.31 10.94
C ALA A 74 4.63 15.40 9.87
N ARG A 75 4.94 16.63 9.45
CA ARG A 75 5.96 16.87 8.42
C ARG A 75 7.37 16.54 8.90
N GLU A 76 7.72 16.99 10.11
CA GLU A 76 9.07 16.80 10.65
C GLU A 76 9.36 15.35 11.03
N ARG A 77 8.35 14.65 11.55
CA ARG A 77 8.48 13.23 11.90
C ARG A 77 8.68 12.36 10.67
N ALA A 78 7.98 12.70 9.58
CA ALA A 78 8.13 11.99 8.31
C ALA A 78 9.50 12.22 7.69
N LYS A 79 10.01 13.44 7.80
CA LYS A 79 11.37 13.79 7.36
C LYS A 79 12.42 13.03 8.18
N GLN A 80 12.17 12.93 9.49
CA GLN A 80 13.05 12.19 10.40
C GLN A 80 13.00 10.69 10.12
N LEU A 81 11.82 10.21 9.74
CA LEU A 81 11.59 8.78 9.50
C LEU A 81 12.25 8.30 8.20
N PHE A 82 12.18 9.10 7.15
CA PHE A 82 12.64 8.69 5.82
C PHE A 82 13.89 9.40 5.31
N GLY A 83 14.31 10.45 6.03
CA GLY A 83 15.50 11.22 5.65
C GLY A 83 15.27 12.10 4.44
N ALA A 84 14.04 12.59 4.30
CA ALA A 84 13.65 13.44 3.17
C ALA A 84 13.85 14.91 3.47
N GLU A 85 14.10 15.69 2.43
CA GLU A 85 14.33 17.13 2.56
C GLU A 85 13.03 17.92 2.68
N HIS A 86 11.94 17.37 2.14
CA HIS A 86 10.63 17.99 2.25
C HIS A 86 9.52 16.94 2.32
N ALA A 87 8.48 17.26 3.10
CA ALA A 87 7.31 16.40 3.24
C ALA A 87 6.01 17.19 3.09
N ASN A 88 5.04 16.56 2.43
CA ASN A 88 3.69 17.10 2.32
C ASN A 88 2.69 16.06 2.83
N VAL A 89 2.05 16.36 3.94
CA VAL A 89 1.17 15.40 4.63
C VAL A 89 -0.31 15.69 4.39
N GLN A 90 -0.61 16.49 3.38
CA GLN A 90 -1.97 16.92 3.07
C GLN A 90 -2.74 16.08 2.04
N PRO A 91 -2.06 15.23 1.24
CA PRO A 91 -2.82 14.41 0.28
C PRO A 91 -3.88 13.54 0.94
N HIS A 92 -5.11 13.66 0.45
CA HIS A 92 -6.26 12.94 1.00
C HIS A 92 -6.13 11.42 0.85
N SER A 93 -5.31 10.99 -0.10
CA SER A 93 -5.12 9.59 -0.43
C SER A 93 -3.84 9.40 -1.22
N GLY A 94 -3.48 8.14 -1.47
CA GLY A 94 -2.35 7.81 -2.35
C GLY A 94 -2.61 8.20 -3.79
N ALA A 95 -3.87 8.15 -4.20
CA ALA A 95 -4.29 8.57 -5.53
C ALA A 95 -4.05 10.06 -5.76
N GLN A 96 -4.38 10.88 -4.76
CA GLN A 96 -4.15 12.32 -4.80
C GLN A 96 -2.69 12.70 -4.60
N ALA A 97 -1.95 11.86 -3.88
CA ALA A 97 -0.51 12.02 -3.73
C ALA A 97 0.19 11.85 -5.08
N ASN A 98 -0.19 10.80 -5.80
CA ASN A 98 0.32 10.55 -7.16
C ASN A 98 -0.13 11.64 -8.13
N MET A 99 -1.40 12.04 -8.01
CA MET A 99 -2.01 13.06 -8.86
C MET A 99 -1.28 14.40 -8.78
N ALA A 100 -0.88 14.78 -7.57
CA ALA A 100 -0.20 16.06 -7.33
C ALA A 100 1.19 16.11 -7.96
N VAL A 101 1.93 15.00 -7.87
CA VAL A 101 3.24 14.89 -8.51
C VAL A 101 3.11 14.98 -10.04
N TYR A 102 2.15 14.25 -10.60
CA TYR A 102 1.86 14.32 -12.04
C TYR A 102 1.52 15.75 -12.47
N PHE A 103 0.70 16.42 -11.66
CA PHE A 103 0.31 17.81 -11.88
C PHE A 103 1.50 18.77 -11.86
N THR A 104 2.53 18.42 -11.10
CA THR A 104 3.72 19.26 -10.92
C THR A 104 4.65 19.25 -12.14
N VAL A 105 5.10 18.05 -12.54
CA VAL A 105 6.16 17.91 -13.54
C VAL A 105 5.69 17.58 -14.96
N LEU A 106 4.38 17.40 -15.13
CA LEU A 106 3.84 16.96 -16.42
C LEU A 106 2.77 17.87 -16.97
N GLU A 107 2.78 18.04 -18.29
CA GLU A 107 1.68 18.66 -19.02
C GLU A 107 0.77 17.53 -19.50
N HIS A 108 -0.47 17.88 -19.87
CA HIS A 108 -1.41 16.93 -20.44
C HIS A 108 -0.82 16.26 -21.68
N GLY A 109 -0.93 14.92 -21.74
CA GLY A 109 -0.48 14.15 -22.89
C GLY A 109 0.98 13.74 -22.87
N ASP A 110 1.70 14.12 -21.82
CA ASP A 110 3.10 13.74 -21.66
C ASP A 110 3.28 12.24 -21.51
N THR A 111 4.38 11.72 -22.03
CA THR A 111 4.71 10.31 -21.91
C THR A 111 5.33 10.01 -20.54
N VAL A 112 4.75 9.02 -19.86
CA VAL A 112 5.23 8.57 -18.56
C VAL A 112 5.44 7.05 -18.61
N LEU A 113 6.51 6.58 -17.99
CA LEU A 113 6.80 5.15 -17.95
C LEU A 113 6.52 4.57 -16.56
N GLY A 114 5.54 3.66 -16.49
CA GLY A 114 5.18 3.00 -15.25
C GLY A 114 5.21 1.49 -15.37
N MET A 115 4.96 0.80 -14.25
CA MET A 115 4.95 -0.65 -14.24
C MET A 115 3.66 -1.19 -14.83
N ASN A 116 3.77 -2.26 -15.62
CA ASN A 116 2.63 -2.96 -16.17
C ASN A 116 1.65 -3.33 -15.06
N LEU A 117 0.38 -2.98 -15.26
CA LEU A 117 -0.66 -3.14 -14.24
C LEU A 117 -0.98 -4.59 -13.91
N SER A 118 -0.91 -5.47 -14.92
CA SER A 118 -1.15 -6.89 -14.73
C SER A 118 0.11 -7.63 -14.24
N HIS A 119 1.24 -6.91 -14.19
CA HIS A 119 2.50 -7.46 -13.71
C HIS A 119 2.82 -7.02 -12.28
N GLY A 120 1.98 -6.13 -11.74
CA GLY A 120 2.14 -5.65 -10.37
C GLY A 120 1.86 -4.16 -10.19
N GLY A 121 1.85 -3.42 -11.30
CA GLY A 121 1.63 -1.97 -11.26
C GLY A 121 0.27 -1.56 -10.71
N HIS A 122 0.18 -0.31 -10.25
CA HIS A 122 -1.06 0.21 -9.68
C HIS A 122 -1.92 0.97 -10.68
N LEU A 123 -3.21 1.06 -10.35
CA LEU A 123 -4.22 1.78 -11.13
C LEU A 123 -3.81 3.21 -11.50
N THR A 124 -3.12 3.90 -10.59
CA THR A 124 -2.66 5.26 -10.81
C THR A 124 -1.33 5.33 -11.56
N HIS A 125 -0.86 4.17 -12.03
CA HIS A 125 0.38 4.11 -12.82
C HIS A 125 0.06 3.85 -14.30
N GLY A 126 -1.09 4.35 -14.76
CA GLY A 126 -1.40 4.35 -16.19
C GLY A 126 -2.58 3.52 -16.67
N SER A 127 -3.58 3.32 -15.81
CA SER A 127 -4.80 2.62 -16.21
C SER A 127 -5.61 3.51 -17.14
N PRO A 128 -6.05 2.95 -18.30
CA PRO A 128 -6.82 3.72 -19.28
C PRO A 128 -8.21 4.13 -18.78
N VAL A 129 -8.64 3.54 -17.66
CA VAL A 129 -9.89 3.92 -17.01
C VAL A 129 -9.64 4.77 -15.75
N ASN A 130 -8.37 5.03 -15.48
CA ASN A 130 -7.95 5.92 -14.41
C ASN A 130 -7.47 7.26 -14.99
N PHE A 131 -7.45 8.30 -14.16
CA PHE A 131 -7.01 9.64 -14.59
C PHE A 131 -5.60 9.65 -15.20
N SER A 132 -4.73 8.77 -14.69
CA SER A 132 -3.34 8.72 -15.12
C SER A 132 -3.18 8.34 -16.60
N GLY A 133 -3.93 7.33 -17.03
CA GLY A 133 -3.89 6.86 -18.41
C GLY A 133 -4.65 7.74 -19.39
N VAL A 134 -5.63 8.49 -18.87
CA VAL A 134 -6.44 9.41 -19.68
C VAL A 134 -5.71 10.74 -19.87
N GLN A 135 -5.12 11.24 -18.78
CA GLN A 135 -4.46 12.54 -18.76
C GLN A 135 -3.06 12.48 -19.39
N TYR A 136 -2.38 11.35 -19.21
CA TYR A 136 -1.01 11.20 -19.69
C TYR A 136 -0.83 9.97 -20.58
N ASN A 137 0.21 10.01 -21.41
CA ASN A 137 0.55 8.91 -22.29
C ASN A 137 1.45 7.88 -21.58
N PHE A 138 0.81 6.91 -20.94
CA PHE A 138 1.54 5.92 -20.15
C PHE A 138 2.01 4.72 -20.97
N VAL A 139 3.32 4.47 -20.91
CA VAL A 139 3.90 3.25 -21.44
C VAL A 139 4.35 2.37 -20.28
N ALA A 140 4.42 1.07 -20.52
CA ALA A 140 4.68 0.11 -19.44
C ALA A 140 5.95 -0.70 -19.61
N TYR A 141 6.63 -0.97 -18.49
CA TYR A 141 7.68 -1.98 -18.43
C TYR A 141 7.14 -3.18 -17.66
N GLY A 142 7.71 -4.36 -17.90
CA GLY A 142 7.21 -5.58 -17.29
C GLY A 142 8.21 -6.34 -16.44
N VAL A 143 7.80 -7.54 -16.04
CA VAL A 143 8.68 -8.46 -15.34
C VAL A 143 9.07 -9.62 -16.25
N ASP A 144 10.13 -10.33 -15.89
CA ASP A 144 10.56 -11.53 -16.60
C ASP A 144 9.47 -12.60 -16.45
N PRO A 145 9.06 -13.21 -17.58
CA PRO A 145 7.96 -14.19 -17.58
C PRO A 145 8.25 -15.48 -16.80
N GLU A 146 9.51 -15.72 -16.44
CA GLU A 146 9.90 -16.92 -15.71
C GLU A 146 10.13 -16.63 -14.22
N THR A 147 10.76 -15.49 -13.94
CA THR A 147 11.20 -15.15 -12.58
C THR A 147 10.33 -14.11 -11.90
N HIS A 148 9.51 -13.41 -12.69
CA HIS A 148 8.58 -12.38 -12.22
C HIS A 148 9.26 -11.21 -11.49
N VAL A 149 10.55 -11.05 -11.76
CA VAL A 149 11.33 -9.92 -11.26
C VAL A 149 11.41 -8.85 -12.35
N ILE A 150 11.29 -7.59 -11.96
CA ILE A 150 11.38 -6.46 -12.90
C ILE A 150 12.55 -6.64 -13.85
N ASP A 151 12.27 -6.62 -15.15
CA ASP A 151 13.29 -6.67 -16.18
C ASP A 151 13.83 -5.26 -16.40
N TYR A 152 14.97 -4.96 -15.78
CA TYR A 152 15.56 -3.63 -15.82
C TYR A 152 16.14 -3.24 -17.18
N ASP A 153 16.43 -4.25 -18.01
CA ASP A 153 16.80 -4.01 -19.41
C ASP A 153 15.57 -3.57 -20.22
N ASP A 154 14.39 -4.05 -19.81
CA ASP A 154 13.13 -3.66 -20.44
C ASP A 154 12.73 -2.24 -20.03
N VAL A 155 12.98 -1.89 -18.77
CA VAL A 155 12.76 -0.53 -18.27
C VAL A 155 13.64 0.46 -19.04
N ARG A 156 14.87 0.05 -19.32
CA ARG A 156 15.83 0.87 -20.05
C ARG A 156 15.46 1.02 -21.53
N GLU A 157 15.02 -0.08 -22.15
CA GLU A 157 14.63 -0.08 -23.56
C GLU A 157 13.35 0.73 -23.79
N LYS A 158 12.38 0.61 -22.88
CA LYS A 158 11.13 1.36 -22.97
C LYS A 158 11.35 2.85 -22.78
N ALA A 159 12.27 3.20 -21.87
CA ALA A 159 12.61 4.60 -21.59
C ALA A 159 13.35 5.26 -22.75
N ARG A 160 14.26 4.51 -23.37
CA ARG A 160 15.05 5.03 -24.49
C ARG A 160 14.24 5.14 -25.78
N LEU A 161 13.21 4.30 -25.91
CA LEU A 161 12.33 4.30 -27.08
C LEU A 161 11.24 5.37 -26.99
N HIS A 162 10.55 5.41 -25.85
CA HIS A 162 9.38 6.28 -25.68
C HIS A 162 9.74 7.67 -25.15
N ARG A 163 10.96 7.82 -24.64
CA ARG A 163 11.46 9.07 -24.05
C ARG A 163 10.46 9.74 -23.10
N PRO A 164 10.23 9.12 -21.93
CA PRO A 164 9.26 9.68 -21.00
C PRO A 164 9.80 10.90 -20.26
N LYS A 165 8.91 11.77 -19.81
CA LYS A 165 9.28 12.91 -18.98
C LYS A 165 9.43 12.45 -17.53
N LEU A 166 8.69 11.40 -17.18
CA LEU A 166 8.70 10.84 -15.83
C LEU A 166 8.74 9.31 -15.86
N ILE A 167 9.48 8.73 -14.92
CA ILE A 167 9.47 7.28 -14.71
C ILE A 167 8.91 6.98 -13.32
N VAL A 168 7.94 6.07 -13.26
CA VAL A 168 7.34 5.65 -12.01
C VAL A 168 7.82 4.24 -11.65
N ALA A 169 8.30 4.09 -10.42
CA ALA A 169 8.66 2.78 -9.87
C ALA A 169 7.75 2.47 -8.68
N ALA A 170 7.60 1.18 -8.39
CA ALA A 170 6.79 0.65 -7.29
C ALA A 170 5.47 0.04 -7.75
N ALA A 171 4.82 -0.72 -6.86
CA ALA A 171 3.72 -1.60 -7.26
C ALA A 171 2.71 -1.87 -6.14
N SER A 172 1.59 -2.49 -6.54
CA SER A 172 0.55 -2.94 -5.61
C SER A 172 0.67 -4.42 -5.27
N ALA A 173 1.30 -5.18 -6.17
CA ALA A 173 1.42 -6.62 -6.02
C ALA A 173 2.77 -7.15 -6.51
N TYR A 174 3.85 -6.58 -5.98
CA TYR A 174 5.20 -7.01 -6.33
C TYR A 174 5.95 -7.48 -5.08
N PRO A 175 6.20 -8.81 -4.97
CA PRO A 175 6.75 -9.43 -3.77
C PRO A 175 8.26 -9.29 -3.58
N ARG A 176 8.95 -8.67 -4.54
CA ARG A 176 10.41 -8.54 -4.47
C ARG A 176 10.88 -7.11 -4.19
N ILE A 177 12.16 -6.96 -3.86
CA ILE A 177 12.77 -5.66 -3.61
C ILE A 177 13.02 -4.93 -4.92
N ILE A 178 12.63 -3.64 -4.96
CA ILE A 178 12.80 -2.81 -6.14
C ILE A 178 14.15 -2.07 -6.08
N ASP A 179 14.92 -2.21 -7.16
CA ASP A 179 16.23 -1.58 -7.27
C ASP A 179 16.07 -0.14 -7.75
N PHE A 180 16.01 0.79 -6.80
CA PHE A 180 15.81 2.20 -7.10
C PHE A 180 17.05 2.85 -7.69
N ALA A 181 18.22 2.28 -7.38
CA ALA A 181 19.49 2.73 -7.95
C ALA A 181 19.51 2.54 -9.47
N LYS A 182 18.94 1.43 -9.93
CA LYS A 182 18.85 1.14 -11.37
C LYS A 182 17.81 2.00 -12.07
N PHE A 183 16.70 2.29 -11.38
CA PHE A 183 15.65 3.16 -11.90
C PHE A 183 16.12 4.60 -12.12
N ARG A 184 16.93 5.11 -11.19
CA ARG A 184 17.53 6.44 -11.32
C ARG A 184 18.61 6.47 -12.41
N GLU A 185 19.37 5.39 -12.50
CA GLU A 185 20.41 5.25 -13.53
C GLU A 185 19.80 5.30 -14.94
N ILE A 186 18.65 4.67 -15.12
CA ILE A 186 17.91 4.68 -16.38
C ILE A 186 17.29 6.06 -16.65
N ALA A 187 16.73 6.65 -15.61
CA ALA A 187 16.11 7.98 -15.70
C ALA A 187 17.11 9.08 -16.03
N ASP A 188 18.34 8.95 -15.52
CA ASP A 188 19.42 9.89 -15.81
C ASP A 188 19.86 9.84 -17.26
N GLU A 189 19.78 8.64 -17.85
CA GLU A 189 20.18 8.42 -19.24
C GLU A 189 19.21 9.07 -20.22
N VAL A 190 17.91 8.97 -19.92
CA VAL A 190 16.87 9.50 -20.79
C VAL A 190 16.43 10.92 -20.40
N GLY A 191 16.97 11.43 -19.29
CA GLY A 191 16.66 12.77 -18.80
C GLY A 191 15.24 12.89 -18.26
N ALA A 192 14.84 11.93 -17.45
CA ALA A 192 13.49 11.91 -16.87
C ALA A 192 13.54 11.98 -15.34
N TYR A 193 12.47 12.50 -14.75
CA TYR A 193 12.30 12.48 -13.30
C TYR A 193 11.96 11.06 -12.83
N LEU A 194 12.37 10.73 -11.61
CA LEU A 194 12.04 9.44 -11.01
C LEU A 194 11.07 9.60 -9.84
N MET A 195 9.90 8.98 -9.98
CA MET A 195 8.91 8.94 -8.91
C MET A 195 8.78 7.52 -8.37
N VAL A 196 8.83 7.38 -7.05
CA VAL A 196 8.61 6.08 -6.41
C VAL A 196 7.36 6.11 -5.53
N ASP A 197 6.42 5.24 -5.86
CA ASP A 197 5.18 5.09 -5.09
C ASP A 197 5.35 3.98 -4.06
N MET A 198 5.98 4.30 -2.93
CA MET A 198 6.32 3.29 -1.91
C MET A 198 5.16 2.88 -1.00
N ALA A 199 3.93 3.18 -1.42
CA ALA A 199 2.72 2.98 -0.60
C ALA A 199 2.67 1.66 0.17
N HIS A 200 2.99 0.56 -0.52
CA HIS A 200 2.94 -0.77 0.09
C HIS A 200 4.12 -1.07 1.00
N ILE A 201 5.29 -0.52 0.67
CA ILE A 201 6.53 -0.85 1.38
C ILE A 201 6.98 0.22 2.39
N ALA A 202 6.17 1.26 2.54
CA ALA A 202 6.51 2.43 3.35
C ALA A 202 6.99 2.12 4.77
N GLY A 203 6.29 1.22 5.45
CA GLY A 203 6.63 0.81 6.81
C GLY A 203 7.92 0.01 6.87
N LEU A 204 8.19 -0.77 5.82
CA LEU A 204 9.40 -1.57 5.72
C LEU A 204 10.61 -0.71 5.41
N VAL A 205 10.40 0.38 4.66
CA VAL A 205 11.43 1.38 4.38
C VAL A 205 11.81 2.10 5.68
N ALA A 206 10.80 2.44 6.47
CA ALA A 206 11.00 3.13 7.75
C ALA A 206 11.75 2.28 8.76
N ALA A 207 11.61 0.96 8.66
CA ALA A 207 12.30 0.02 9.55
C ALA A 207 13.65 -0.44 8.98
N GLY A 208 13.95 -0.02 7.75
CA GLY A 208 15.22 -0.34 7.11
C GLY A 208 15.29 -1.76 6.59
N LEU A 209 14.14 -2.31 6.20
CA LEU A 209 14.06 -3.67 5.67
C LEU A 209 13.82 -3.67 4.16
N HIS A 210 13.59 -2.48 3.63
CA HIS A 210 13.58 -2.27 2.19
C HIS A 210 14.38 -1.01 1.90
N PRO A 211 15.27 -1.05 0.89
CA PRO A 211 16.03 0.12 0.46
C PRO A 211 15.18 1.38 0.36
N ASN A 212 15.72 2.50 0.86
CA ASN A 212 15.03 3.79 0.84
C ASN A 212 15.13 4.41 -0.56
N PRO A 213 13.98 4.70 -1.19
CA PRO A 213 13.96 5.37 -2.49
C PRO A 213 14.34 6.85 -2.46
N VAL A 214 14.22 7.47 -1.29
CA VAL A 214 14.43 8.91 -1.10
C VAL A 214 15.76 9.46 -1.67
N PRO A 215 16.90 8.80 -1.37
CA PRO A 215 18.17 9.27 -1.96
C PRO A 215 18.25 9.15 -3.50
N TYR A 216 17.38 8.32 -4.08
CA TYR A 216 17.45 8.03 -5.53
C TYR A 216 16.37 8.71 -6.35
N ALA A 217 15.23 9.00 -5.73
CA ALA A 217 14.07 9.56 -6.43
C ALA A 217 13.93 11.06 -6.24
N HIS A 218 13.41 11.73 -7.26
CA HIS A 218 13.08 13.15 -7.18
C HIS A 218 11.81 13.34 -6.37
N PHE A 219 10.88 12.39 -6.52
CA PHE A 219 9.61 12.39 -5.80
C PHE A 219 9.33 11.02 -5.22
N VAL A 220 8.82 11.01 -3.99
CA VAL A 220 8.39 9.77 -3.35
C VAL A 220 6.97 9.95 -2.81
N THR A 221 6.03 9.20 -3.38
CA THR A 221 4.65 9.21 -2.88
C THR A 221 4.41 7.97 -2.05
N THR A 222 3.42 8.06 -1.16
CA THR A 222 3.03 6.93 -0.32
C THR A 222 1.64 7.09 0.28
N THR A 223 1.07 5.97 0.73
CA THR A 223 -0.10 5.98 1.59
C THR A 223 0.38 5.79 3.02
N THR A 224 -0.41 6.27 3.98
CA THR A 224 -0.05 6.16 5.39
C THR A 224 -0.70 4.95 6.07
N HIS A 225 -1.60 4.27 5.37
CA HIS A 225 -2.44 3.24 5.98
C HIS A 225 -2.03 1.78 5.75
N LYS A 226 -1.02 1.55 4.92
CA LYS A 226 -0.58 0.18 4.61
C LYS A 226 0.40 -0.35 5.66
N THR A 227 1.64 -0.64 5.25
CA THR A 227 2.66 -1.15 6.18
C THR A 227 3.14 -0.10 7.19
N LEU A 228 2.84 1.17 6.91
CA LEU A 228 3.18 2.27 7.81
C LEU A 228 2.25 2.29 9.03
N ARG A 229 1.14 1.55 8.92
CA ARG A 229 0.19 1.33 10.01
C ARG A 229 -0.42 2.61 10.58
N GLY A 230 -0.77 3.54 9.69
CA GLY A 230 -1.39 4.80 10.09
C GLY A 230 -2.78 5.00 9.51
N PRO A 231 -3.30 6.25 9.57
CA PRO A 231 -4.64 6.55 9.09
C PRO A 231 -4.74 6.53 7.57
N ARG A 232 -5.97 6.49 7.06
CA ARG A 232 -6.21 6.45 5.62
C ARG A 232 -5.94 7.82 5.00
N GLY A 233 -4.88 7.89 4.18
CA GLY A 233 -4.46 9.13 3.53
C GLY A 233 -3.18 8.98 2.74
N GLY A 234 -2.71 10.10 2.19
CA GLY A 234 -1.49 10.11 1.38
C GLY A 234 -0.41 11.05 1.87
N MET A 235 0.79 10.90 1.31
CA MET A 235 1.93 11.74 1.63
C MET A 235 2.90 11.83 0.45
N ILE A 236 3.47 13.01 0.25
CA ILE A 236 4.50 13.21 -0.76
C ILE A 236 5.81 13.64 -0.09
N LEU A 237 6.87 12.90 -0.38
CA LEU A 237 8.23 13.27 0.02
C LEU A 237 9.00 13.70 -1.23
N CYS A 238 9.79 14.76 -1.09
CA CYS A 238 10.59 15.26 -2.22
C CYS A 238 11.81 16.07 -1.76
N GLN A 239 12.67 16.41 -2.71
CA GLN A 239 13.83 17.27 -2.46
C GLN A 239 13.38 18.72 -2.31
N GLU A 240 14.21 19.52 -1.63
CA GLU A 240 13.89 20.93 -1.34
C GLU A 240 13.65 21.77 -2.60
N GLN A 241 14.26 21.37 -3.72
CA GLN A 241 14.11 22.08 -4.98
C GLN A 241 12.71 21.95 -5.61
N PHE A 242 11.97 20.92 -5.19
CA PHE A 242 10.61 20.69 -5.67
C PHE A 242 9.56 21.04 -4.61
N ALA A 243 10.03 21.38 -3.40
CA ALA A 243 9.17 21.63 -2.25
C ALA A 243 8.03 22.63 -2.52
N LYS A 244 8.37 23.76 -3.11
CA LYS A 244 7.41 24.83 -3.39
C LYS A 244 6.39 24.41 -4.46
N GLN A 245 6.87 23.70 -5.48
CA GLN A 245 6.03 23.24 -6.60
C GLN A 245 5.05 22.16 -6.18
N ILE A 246 5.51 21.24 -5.33
CA ILE A 246 4.67 20.16 -4.79
C ILE A 246 3.58 20.71 -3.86
N ASP A 247 3.96 21.70 -3.04
CA ASP A 247 3.01 22.36 -2.15
C ASP A 247 1.91 23.08 -2.93
N LYS A 248 2.30 23.77 -4.00
CA LYS A 248 1.36 24.47 -4.88
C LYS A 248 0.47 23.52 -5.67
N ALA A 249 0.96 22.30 -5.90
CA ALA A 249 0.21 21.27 -6.61
C ALA A 249 -0.92 20.69 -5.76
N ILE A 250 -0.67 20.54 -4.46
CA ILE A 250 -1.70 20.09 -3.51
C ILE A 250 -2.73 21.20 -3.28
N PHE A 251 -2.23 22.38 -2.89
CA PHE A 251 -3.06 23.58 -2.80
C PHE A 251 -2.30 24.79 -3.34
N PRO A 252 -2.93 25.57 -4.24
CA PRO A 252 -4.33 25.46 -4.70
C PRO A 252 -4.54 24.55 -5.92
N GLY A 253 -3.63 23.62 -6.15
CA GLY A 253 -3.63 22.78 -7.35
C GLY A 253 -4.80 21.82 -7.52
N ILE A 254 -4.80 20.74 -6.75
CA ILE A 254 -5.79 19.66 -6.92
C ILE A 254 -6.75 19.49 -5.74
N GLN A 255 -6.36 19.98 -4.57
CA GLN A 255 -7.18 19.86 -3.37
C GLN A 255 -7.64 21.22 -2.85
N GLY A 256 -8.33 21.21 -1.71
CA GLY A 256 -8.72 22.43 -1.02
C GLY A 256 -8.25 22.39 0.42
N GLY A 257 -9.19 22.47 1.34
CA GLY A 257 -8.89 22.33 2.77
C GLY A 257 -8.45 20.92 3.11
N PRO A 258 -7.33 20.78 3.83
CA PRO A 258 -6.83 19.48 4.25
C PRO A 258 -7.64 18.89 5.40
N LEU A 259 -7.42 17.60 5.68
CA LEU A 259 -8.06 16.92 6.80
C LEU A 259 -7.13 16.96 8.02
N MET A 260 -7.30 18.00 8.84
CA MET A 260 -6.40 18.25 9.97
C MET A 260 -6.43 17.17 11.06
N HIS A 261 -7.58 16.53 11.21
CA HIS A 261 -7.75 15.42 12.15
C HIS A 261 -7.04 14.15 11.66
N VAL A 262 -6.98 13.97 10.34
CA VAL A 262 -6.26 12.86 9.73
C VAL A 262 -4.75 13.12 9.76
N ILE A 263 -4.37 14.37 9.49
CA ILE A 263 -2.98 14.81 9.59
C ILE A 263 -2.44 14.63 11.02
N ALA A 264 -3.30 14.91 12.00
CA ALA A 264 -2.99 14.65 13.41
C ALA A 264 -2.69 13.18 13.65
N ALA A 265 -3.51 12.30 13.06
CA ALA A 265 -3.35 10.86 13.18
C ALA A 265 -2.12 10.36 12.43
N LYS A 266 -1.76 11.04 11.34
CA LYS A 266 -0.52 10.76 10.61
C LYS A 266 0.69 11.01 11.50
N ALA A 267 0.70 12.15 12.19
CA ALA A 267 1.76 12.49 13.15
C ALA A 267 1.90 11.42 14.22
N VAL A 268 0.77 10.96 14.77
CA VAL A 268 0.73 9.89 15.77
C VAL A 268 1.30 8.59 15.19
N ALA A 269 0.95 8.30 13.94
CA ALA A 269 1.44 7.12 13.24
C ALA A 269 2.94 7.20 12.99
N PHE A 270 3.43 8.37 12.57
CA PHE A 270 4.86 8.57 12.34
C PHE A 270 5.65 8.48 13.65
N GLY A 271 5.07 9.01 14.72
CA GLY A 271 5.64 8.93 16.06
C GLY A 271 5.83 7.49 16.50
N GLU A 272 4.78 6.69 16.30
CA GLU A 272 4.81 5.25 16.61
C GLU A 272 5.81 4.49 15.74
N ALA A 273 5.99 4.96 14.51
CA ALA A 273 6.93 4.36 13.56
C ALA A 273 8.40 4.61 13.93
N LEU A 274 8.65 5.73 14.61
CA LEU A 274 10.00 6.10 15.04
C LEU A 274 10.48 5.27 16.24
N GLN A 275 9.53 4.74 17.01
CA GLN A 275 9.84 3.93 18.19
C GLN A 275 10.48 2.60 17.79
N ASP A 276 11.25 2.01 18.71
CA ASP A 276 11.97 0.77 18.45
C ASP A 276 11.07 -0.45 18.21
N ASP A 277 9.89 -0.46 18.83
CA ASP A 277 8.96 -1.58 18.71
C ASP A 277 8.42 -1.77 17.29
N PHE A 278 8.23 -0.67 16.56
CA PHE A 278 7.76 -0.70 15.18
C PHE A 278 8.76 -1.35 14.23
N LYS A 279 10.05 -1.13 14.50
CA LYS A 279 11.12 -1.77 13.73
C LYS A 279 11.15 -3.28 13.97
N ALA A 280 10.83 -3.69 15.19
CA ALA A 280 10.69 -5.11 15.53
C ALA A 280 9.43 -5.69 14.91
N TYR A 281 8.36 -4.90 14.91
CA TYR A 281 7.10 -5.26 14.27
C TYR A 281 7.27 -5.55 12.79
N ALA A 282 7.90 -4.61 12.08
CA ALA A 282 8.08 -4.69 10.64
C ALA A 282 8.96 -5.87 10.23
N LYS A 283 9.93 -6.21 11.08
CA LYS A 283 10.78 -7.38 10.85
C LYS A 283 9.96 -8.66 10.96
N ARG A 284 9.04 -8.69 11.93
CA ARG A 284 8.13 -9.81 12.09
C ARG A 284 7.19 -9.96 10.89
N VAL A 285 6.75 -8.84 10.33
CA VAL A 285 5.93 -8.83 9.11
C VAL A 285 6.66 -9.54 7.96
N VAL A 286 7.91 -9.15 7.73
CA VAL A 286 8.73 -9.73 6.68
C VAL A 286 9.09 -11.19 7.00
N ASP A 287 9.37 -11.48 8.26
CA ASP A 287 9.64 -12.85 8.71
C ASP A 287 8.42 -13.74 8.53
N ASN A 288 7.25 -13.22 8.90
CA ASN A 288 5.98 -13.92 8.75
C ASN A 288 5.61 -14.19 7.30
N ALA A 289 5.87 -13.22 6.43
CA ALA A 289 5.58 -13.34 5.00
C ALA A 289 6.44 -14.40 4.34
N LYS A 290 7.74 -14.41 4.67
CA LYS A 290 8.66 -15.43 4.20
C LYS A 290 8.36 -16.82 4.77
N ARG A 291 7.87 -16.85 6.01
CA ARG A 291 7.44 -18.10 6.64
C ARG A 291 6.17 -18.64 5.97
N LEU A 292 5.22 -17.75 5.71
CA LEU A 292 3.97 -18.10 5.03
C LEU A 292 4.21 -18.54 3.59
N ALA A 293 5.14 -17.85 2.92
CA ALA A 293 5.54 -18.18 1.55
C ALA A 293 6.12 -19.58 1.47
N SER A 294 7.05 -19.88 2.39
CA SER A 294 7.70 -21.20 2.44
C SER A 294 6.71 -22.31 2.80
N ALA A 295 5.77 -22.00 3.69
CA ALA A 295 4.77 -22.97 4.15
C ALA A 295 3.72 -23.28 3.07
N LEU A 296 3.36 -22.29 2.26
CA LEU A 296 2.42 -22.49 1.16
C LEU A 296 3.03 -23.33 0.04
N GLN A 297 4.32 -23.12 -0.21
CA GLN A 297 5.07 -23.95 -1.15
C GLN A 297 5.11 -25.40 -0.69
N ASN A 298 5.32 -25.59 0.61
CA ASN A 298 5.27 -26.90 1.26
C ASN A 298 3.92 -27.60 1.05
N GLU A 299 2.85 -26.81 0.99
CA GLU A 299 1.51 -27.31 0.74
C GLU A 299 1.27 -27.62 -0.75
N GLY A 300 2.18 -27.16 -1.60
CA GLY A 300 2.13 -27.44 -3.04
C GLY A 300 1.70 -26.27 -3.91
N PHE A 301 1.79 -25.05 -3.35
CA PHE A 301 1.42 -23.85 -4.09
C PHE A 301 2.61 -23.20 -4.80
N THR A 302 2.38 -22.82 -6.05
CA THR A 302 3.34 -22.06 -6.84
C THR A 302 3.18 -20.58 -6.49
N LEU A 303 4.29 -19.92 -6.20
CA LEU A 303 4.27 -18.50 -5.87
C LEU A 303 4.94 -17.66 -6.95
N VAL A 304 4.38 -16.48 -7.19
CA VAL A 304 4.94 -15.51 -8.12
C VAL A 304 6.30 -15.04 -7.60
N SER A 305 7.31 -15.10 -8.47
CA SER A 305 8.72 -14.82 -8.13
C SER A 305 9.38 -15.87 -7.24
N GLY A 306 8.62 -16.92 -6.88
CA GLY A 306 9.13 -18.02 -6.07
C GLY A 306 9.35 -17.67 -4.61
N GLY A 307 8.55 -16.73 -4.10
CA GLY A 307 8.63 -16.31 -2.72
C GLY A 307 8.37 -14.82 -2.51
N THR A 308 9.01 -14.26 -1.50
CA THR A 308 8.85 -12.83 -1.16
C THR A 308 10.08 -12.23 -0.48
N ASP A 309 10.26 -10.93 -0.67
CA ASP A 309 11.30 -10.15 0.00
C ASP A 309 10.67 -9.09 0.90
N ASN A 310 9.34 -9.02 0.88
CA ASN A 310 8.61 -7.98 1.60
C ASN A 310 7.44 -8.51 2.43
N HIS A 311 6.35 -7.75 2.45
CA HIS A 311 5.18 -8.05 3.26
C HIS A 311 4.14 -8.92 2.56
N LEU A 312 4.18 -8.95 1.23
CA LEU A 312 3.15 -9.63 0.44
C LEU A 312 3.67 -10.75 -0.45
N LEU A 313 2.76 -11.63 -0.85
CA LEU A 313 3.05 -12.70 -1.80
C LEU A 313 1.86 -12.91 -2.74
N LEU A 314 2.15 -13.48 -3.91
CA LEU A 314 1.11 -13.83 -4.88
C LEU A 314 1.12 -15.33 -5.16
N VAL A 315 -0.01 -15.97 -4.95
CA VAL A 315 -0.16 -17.40 -5.22
C VAL A 315 -0.61 -17.61 -6.66
N ASP A 316 0.23 -18.26 -7.45
CA ASP A 316 -0.13 -18.68 -8.81
C ASP A 316 -1.01 -19.91 -8.72
N LEU A 317 -2.30 -19.75 -9.03
CA LEU A 317 -3.30 -20.80 -8.81
C LEU A 317 -3.55 -21.68 -10.05
N ARG A 318 -2.79 -21.44 -11.11
CA ARG A 318 -2.90 -22.22 -12.36
C ARG A 318 -2.68 -23.74 -12.19
N PRO A 319 -1.67 -24.16 -11.41
CA PRO A 319 -1.48 -25.60 -11.16
C PRO A 319 -2.72 -26.29 -10.55
N GLN A 320 -3.42 -25.59 -9.65
CA GLN A 320 -4.64 -26.12 -9.03
C GLN A 320 -5.87 -25.96 -9.92
N GLN A 321 -5.67 -25.39 -11.11
CA GLN A 321 -6.75 -25.06 -12.05
C GLN A 321 -7.89 -24.26 -11.40
N LEU A 322 -7.50 -23.31 -10.56
CA LEU A 322 -8.44 -22.40 -9.91
C LEU A 322 -8.19 -20.97 -10.32
N THR A 323 -9.26 -20.21 -10.46
CA THR A 323 -9.17 -18.77 -10.68
C THR A 323 -9.06 -18.07 -9.33
N GLY A 324 -8.53 -16.85 -9.34
CA GLY A 324 -8.43 -16.04 -8.12
C GLY A 324 -9.80 -15.71 -7.55
N LYS A 325 -10.76 -15.51 -8.45
CA LYS A 325 -12.16 -15.24 -8.09
C LYS A 325 -12.77 -16.41 -7.29
N THR A 326 -12.51 -17.64 -7.75
CA THR A 326 -12.99 -18.85 -7.07
C THR A 326 -12.33 -19.00 -5.70
N ALA A 327 -11.02 -18.74 -5.64
CA ALA A 327 -10.26 -18.83 -4.40
C ALA A 327 -10.69 -17.78 -3.38
N GLU A 328 -10.95 -16.56 -3.85
CA GLU A 328 -11.41 -15.46 -3.01
C GLU A 328 -12.77 -15.79 -2.36
N LYS A 329 -13.66 -16.36 -3.16
CA LYS A 329 -15.02 -16.71 -2.73
C LYS A 329 -15.02 -17.81 -1.66
N VAL A 330 -14.29 -18.89 -1.91
CA VAL A 330 -14.27 -20.05 -1.01
C VAL A 330 -13.54 -19.78 0.31
N LEU A 331 -12.51 -18.94 0.27
CA LEU A 331 -11.78 -18.55 1.48
C LEU A 331 -12.59 -17.57 2.33
N ASP A 332 -13.41 -16.76 1.67
CA ASP A 332 -14.36 -15.87 2.36
C ASP A 332 -15.39 -16.69 3.15
N GLU A 333 -15.78 -17.83 2.60
CA GLU A 333 -16.73 -18.75 3.23
C GLU A 333 -16.20 -19.37 4.53
N VAL A 334 -14.87 -19.47 4.66
CA VAL A 334 -14.25 -20.07 5.84
C VAL A 334 -13.64 -19.04 6.80
N GLY A 335 -13.69 -17.77 6.42
CA GLY A 335 -13.25 -16.69 7.30
C GLY A 335 -11.88 -16.09 7.00
N ILE A 336 -11.29 -16.46 5.87
CA ILE A 336 -10.00 -15.92 5.44
C ILE A 336 -10.21 -14.86 4.35
N THR A 337 -9.71 -13.66 4.61
CA THR A 337 -9.95 -12.53 3.72
C THR A 337 -8.74 -12.22 2.84
N VAL A 338 -8.86 -12.57 1.56
CA VAL A 338 -7.86 -12.22 0.55
C VAL A 338 -8.55 -11.44 -0.57
N ASN A 339 -7.77 -11.03 -1.57
CA ASN A 339 -8.35 -10.52 -2.80
C ASN A 339 -7.78 -11.17 -4.04
N LYS A 340 -8.64 -11.41 -5.03
CA LYS A 340 -8.21 -11.89 -6.33
C LYS A 340 -7.26 -10.87 -6.95
N ASN A 341 -6.21 -11.38 -7.59
CA ASN A 341 -5.18 -10.52 -8.15
C ASN A 341 -4.58 -11.14 -9.41
N THR A 342 -4.44 -10.32 -10.45
CA THR A 342 -3.81 -10.74 -11.69
C THR A 342 -2.35 -11.11 -11.41
N ILE A 343 -1.91 -12.22 -12.00
CA ILE A 343 -0.52 -12.61 -11.95
C ILE A 343 0.14 -12.14 -13.25
N PRO A 344 1.47 -11.90 -13.24
CA PRO A 344 2.13 -11.53 -14.49
C PRO A 344 1.83 -12.52 -15.62
N TYR A 345 1.45 -11.99 -16.78
CA TYR A 345 1.09 -12.77 -17.97
C TYR A 345 -0.14 -13.66 -17.72
N ASP A 346 -1.12 -13.10 -17.04
CA ASP A 346 -2.35 -13.80 -16.67
C ASP A 346 -3.20 -14.09 -17.90
N PRO A 347 -3.59 -15.37 -18.09
CA PRO A 347 -4.51 -15.74 -19.17
C PRO A 347 -5.95 -15.29 -18.93
N GLU A 348 -6.25 -14.88 -17.69
CA GLU A 348 -7.60 -14.45 -17.30
C GLU A 348 -7.69 -12.92 -17.18
N SER A 349 -8.90 -12.41 -17.34
CA SER A 349 -9.17 -10.98 -17.19
C SER A 349 -8.98 -10.50 -15.74
N PRO A 350 -8.68 -9.20 -15.54
CA PRO A 350 -8.52 -8.63 -14.20
C PRO A 350 -9.72 -8.81 -13.26
N PHE A 351 -10.85 -9.26 -13.82
CA PHE A 351 -12.07 -9.48 -13.04
C PHE A 351 -12.24 -10.94 -12.62
N VAL A 352 -11.42 -11.82 -13.20
CA VAL A 352 -11.44 -13.24 -12.86
C VAL A 352 -10.11 -13.65 -12.22
N THR A 353 -9.00 -13.35 -12.92
CA THR A 353 -7.62 -13.56 -12.43
C THR A 353 -7.20 -15.03 -12.27
N SER A 354 -5.88 -15.24 -12.13
CA SER A 354 -5.33 -16.57 -11.90
C SER A 354 -4.58 -16.67 -10.58
N GLY A 355 -4.72 -15.65 -9.74
CA GLY A 355 -3.99 -15.61 -8.47
C GLY A 355 -4.67 -14.88 -7.33
N ILE A 356 -4.11 -15.03 -6.14
CA ILE A 356 -4.56 -14.31 -4.95
C ILE A 356 -3.40 -13.59 -4.26
N ARG A 357 -3.65 -12.35 -3.82
CA ARG A 357 -2.65 -11.56 -3.13
C ARG A 357 -2.81 -11.71 -1.61
N ILE A 358 -1.70 -11.98 -0.92
CA ILE A 358 -1.72 -12.21 0.52
C ILE A 358 -0.65 -11.36 1.21
N GLY A 359 -1.06 -10.61 2.23
CA GLY A 359 -0.14 -9.83 3.04
C GLY A 359 -0.17 -10.24 4.51
N THR A 360 0.90 -9.93 5.23
CA THR A 360 1.04 -10.34 6.64
C THR A 360 0.98 -9.18 7.63
N ALA A 361 0.94 -7.95 7.12
CA ALA A 361 0.97 -6.74 7.94
C ALA A 361 -0.13 -6.67 9.01
N ALA A 362 -1.35 -7.08 8.62
CA ALA A 362 -2.50 -7.01 9.52
C ALA A 362 -2.43 -8.03 10.65
N VAL A 363 -2.16 -9.29 10.29
CA VAL A 363 -2.09 -10.38 11.28
C VAL A 363 -0.91 -10.24 12.25
N THR A 364 0.17 -9.62 11.79
CA THR A 364 1.37 -9.37 12.62
C THR A 364 1.08 -8.35 13.72
N THR A 365 0.27 -7.34 13.39
CA THR A 365 -0.18 -6.34 14.35
C THR A 365 -0.99 -7.00 15.48
N ARG A 366 -1.76 -8.01 15.12
CA ARG A 366 -2.60 -8.76 16.06
C ARG A 366 -1.79 -9.66 17.01
N GLY A 367 -0.59 -10.04 16.59
CA GLY A 367 0.30 -10.86 17.40
C GLY A 367 0.64 -12.21 16.81
N PHE A 368 0.30 -12.39 15.53
CA PHE A 368 0.57 -13.64 14.82
C PHE A 368 2.07 -13.79 14.52
N GLY A 369 2.60 -14.97 14.85
CA GLY A 369 4.00 -15.28 14.62
C GLY A 369 4.19 -16.41 13.62
N LEU A 370 5.40 -16.96 13.59
CA LEU A 370 5.78 -18.00 12.63
C LEU A 370 4.92 -19.26 12.71
N GLU A 371 4.48 -19.61 13.92
CA GLU A 371 3.63 -20.77 14.16
C GLU A 371 2.26 -20.61 13.48
N GLU A 372 1.66 -19.43 13.66
CA GLU A 372 0.37 -19.09 13.07
C GLU A 372 0.42 -19.07 11.54
N MET A 373 1.58 -18.72 11.00
CA MET A 373 1.80 -18.68 9.55
C MET A 373 1.74 -20.07 8.93
N ASP A 374 2.25 -21.06 9.66
CA ASP A 374 2.17 -22.47 9.26
C ASP A 374 0.73 -22.94 9.22
N GLU A 375 -0.06 -22.53 10.23
CA GLU A 375 -1.46 -22.90 10.33
C GLU A 375 -2.32 -22.25 9.25
N ILE A 376 -2.12 -20.95 9.04
CA ILE A 376 -2.81 -20.20 7.98
C ILE A 376 -2.59 -20.85 6.61
N ALA A 377 -1.34 -21.23 6.34
CA ALA A 377 -0.98 -21.92 5.10
C ALA A 377 -1.61 -23.31 5.02
N ALA A 378 -1.71 -23.99 6.15
CA ALA A 378 -2.33 -25.32 6.23
C ALA A 378 -3.84 -25.27 5.96
N ILE A 379 -4.50 -24.23 6.49
CA ILE A 379 -5.92 -24.01 6.25
C ILE A 379 -6.19 -23.68 4.77
N ILE A 380 -5.35 -22.83 4.19
CA ILE A 380 -5.45 -22.47 2.76
C ILE A 380 -5.31 -23.70 1.86
N GLY A 381 -4.39 -24.60 2.22
CA GLY A 381 -4.22 -25.87 1.51
C GLY A 381 -5.45 -26.75 1.62
N LEU A 382 -6.01 -26.86 2.82
CA LEU A 382 -7.22 -27.64 3.07
C LEU A 382 -8.41 -27.16 2.26
N VAL A 383 -8.56 -25.84 2.15
CA VAL A 383 -9.66 -25.21 1.43
C VAL A 383 -9.51 -25.37 -0.09
N LEU A 384 -8.37 -24.94 -0.62
CA LEU A 384 -8.17 -24.85 -2.07
C LEU A 384 -7.92 -26.19 -2.76
N LYS A 385 -7.53 -27.20 -1.99
CA LYS A 385 -7.36 -28.56 -2.53
C LYS A 385 -8.62 -29.40 -2.36
N ASN A 386 -9.59 -28.88 -1.62
CA ASN A 386 -10.88 -29.55 -1.39
C ASN A 386 -12.05 -28.56 -1.44
N VAL A 387 -12.19 -27.88 -2.58
CA VAL A 387 -13.20 -26.84 -2.77
C VAL A 387 -14.64 -27.38 -2.76
N GLY A 388 -14.81 -28.59 -3.28
CA GLY A 388 -16.13 -29.23 -3.34
C GLY A 388 -16.61 -29.86 -2.05
N SER A 389 -15.69 -30.08 -1.12
CA SER A 389 -15.98 -30.74 0.16
C SER A 389 -16.40 -29.73 1.23
N GLU A 390 -17.64 -29.83 1.69
CA GLU A 390 -18.16 -28.95 2.73
C GLU A 390 -17.64 -29.29 4.12
N GLN A 391 -17.25 -30.56 4.31
CA GLN A 391 -16.70 -31.03 5.58
C GLN A 391 -15.30 -30.48 5.85
N ALA A 392 -14.54 -30.26 4.77
CA ALA A 392 -13.21 -29.64 4.86
C ALA A 392 -13.31 -28.14 5.15
N LEU A 393 -14.34 -27.52 4.60
CA LEU A 393 -14.58 -26.08 4.80
C LEU A 393 -15.10 -25.80 6.21
N GLU A 394 -15.83 -26.75 6.78
CA GLU A 394 -16.28 -26.68 8.16
C GLU A 394 -15.09 -26.86 9.11
N GLU A 395 -14.19 -27.78 8.75
CA GLU A 395 -12.94 -27.98 9.48
C GLU A 395 -12.09 -26.71 9.44
N ALA A 396 -12.06 -26.07 8.29
CA ALA A 396 -11.33 -24.81 8.09
C ALA A 396 -11.89 -23.68 8.95
N ARG A 397 -13.23 -23.58 9.01
CA ARG A 397 -13.90 -22.56 9.82
C ARG A 397 -13.51 -22.64 11.30
N GLN A 398 -13.47 -23.87 11.83
CA GLN A 398 -13.11 -24.12 13.22
C GLN A 398 -11.64 -23.79 13.50
N ARG A 399 -10.78 -24.05 12.52
CA ARG A 399 -9.34 -23.77 12.64
C ARG A 399 -9.04 -22.27 12.51
N VAL A 400 -9.87 -21.57 11.73
CA VAL A 400 -9.82 -20.11 11.64
C VAL A 400 -10.28 -19.49 12.95
N ALA A 401 -11.39 -20.01 13.49
CA ALA A 401 -11.94 -19.53 14.77
C ALA A 401 -11.01 -19.79 15.96
N ALA A 402 -10.19 -20.83 15.85
CA ALA A 402 -9.21 -21.16 16.88
C ALA A 402 -8.03 -20.18 16.91
N LEU A 403 -7.62 -19.73 15.73
CA LEU A 403 -6.52 -18.76 15.60
C LEU A 403 -6.91 -17.37 16.09
N THR A 404 -8.18 -17.01 15.93
CA THR A 404 -8.68 -15.70 16.34
C THR A 404 -9.29 -15.74 17.74
N ASP A 405 -8.55 -16.35 18.68
CA ASP A 405 -8.98 -16.56 20.07
C ASP A 405 -10.22 -17.44 20.20
#